data_4U6R
#
_entry.id   4U6R
#
_cell.length_a   76.847
_cell.length_b   86.433
_cell.length_c   91.818
_cell.angle_alpha   90.00
_cell.angle_beta   90.00
_cell.angle_gamma   90.00
#
_symmetry.space_group_name_H-M   'P 21 21 21'
#
loop_
_entity.id
_entity.type
_entity.pdbx_description
1 polymer 'Serine/threonine-protein kinase/endoribonuclease IRE1'
2 non-polymer N-{4-[(3-{2-[(trans-4-aminocyclohexyl)amino]pyrimidin-4-yl}pyridin-2-yl)oxy]-3-methylnaphthalen-1-yl}-2-chlorobenzenesulfonamide
3 non-polymer 'SULFATE ION'
4 non-polymer 1,2-ETHANEDIOL
5 non-polymer '4-(2-HYDROXYETHYL)-1-PIPERAZINE ETHANESULFONIC ACID'
6 water water
#
_entity_poly.entity_id   1
_entity_poly.type   'polypeptide(L)'
_entity_poly.pdbx_seq_one_letter_code
;MGHNHRHKHHHHHHHHENLYFQGPGSSPSLEQDDGDEETSVVIVGKISFCPKDVLGHGAEGTIVYRGMFDNRDVAVKRIL
PECFSFADREVQLLRESDEHPNVIRYFCTEKDRQFQYIAIELCAATLQEYVEQKDFAHLGLEPITLLQQTTSGLAHLHSL
NIVHRDLKPHNILISMPNAHGKIKAMISDFGLCKKLAVGRHSFSRRSGVPGTEGWIAPEMLSEDCKENPTYTVDIFSAGC
VFYYVISEGSHPFGKSLQRQANILLGACSLDCLHPEKHEDVIARELIEKMIAMDPQKRPSAKHVLKHPFFWSLEKQLQFF
QDVSDRIEKESLDGPIVKQLERGGRAVVKMDWRENITVPLQTDLRKFRTYKGGSVRDLLRAMRNKKHHYRELPAEVRETL
GTLPDDFVCYFTSRFPHLLAHTYRAMELCSHERLFQPYYFHEPPEPQPPVTPDAL
;
_entity_poly.pdbx_strand_id   A
#
loop_
_chem_comp.id
_chem_comp.type
_chem_comp.name
_chem_comp.formula
3E4 non-polymer N-{4-[(3-{2-[(trans-4-aminocyclohexyl)amino]pyrimidin-4-yl}pyridin-2-yl)oxy]-3-methylnaphthalen-1-yl}-2-chlorobenzenesulfonamide 'C32 H31 Cl N6 O3 S'
EDO non-polymer 1,2-ETHANEDIOL 'C2 H6 O2'
EPE non-polymer '4-(2-HYDROXYETHYL)-1-PIPERAZINE ETHANESULFONIC ACID' 'C8 H18 N2 O4 S'
SO4 non-polymer 'SULFATE ION' 'O4 S -2'
#
# COMPACT_ATOMS: atom_id res chain seq x y z
N THR A 39 -39.48 -17.85 -14.86
CA THR A 39 -38.22 -18.53 -14.41
C THR A 39 -37.67 -17.97 -13.09
N SER A 40 -37.92 -18.70 -12.00
CA SER A 40 -37.58 -18.25 -10.66
C SER A 40 -36.14 -18.57 -10.29
N VAL A 41 -35.67 -19.78 -10.58
CA VAL A 41 -34.25 -20.15 -10.38
C VAL A 41 -33.64 -20.79 -11.63
N VAL A 42 -32.62 -20.14 -12.19
CA VAL A 42 -31.86 -20.70 -13.31
C VAL A 42 -30.79 -21.68 -12.81
N ILE A 43 -30.71 -22.85 -13.44
CA ILE A 43 -29.66 -23.82 -13.15
C ILE A 43 -28.89 -24.14 -14.43
N VAL A 44 -27.62 -23.78 -14.45
CA VAL A 44 -26.72 -24.14 -15.54
C VAL A 44 -25.56 -24.93 -14.93
N GLY A 45 -25.69 -26.25 -15.02
CA GLY A 45 -24.69 -27.15 -14.46
C GLY A 45 -24.62 -27.04 -12.95
N LYS A 46 -23.43 -26.71 -12.44
CA LYS A 46 -23.19 -26.63 -11.01
C LYS A 46 -23.59 -25.27 -10.41
N ILE A 47 -23.93 -24.33 -11.27
CA ILE A 47 -24.25 -22.97 -10.88
C ILE A 47 -25.76 -22.76 -10.85
N SER A 48 -26.21 -21.97 -9.89
CA SER A 48 -27.62 -21.61 -9.82
C SER A 48 -27.80 -20.21 -9.26
N PHE A 49 -28.87 -19.54 -9.69
CA PHE A 49 -29.19 -18.19 -9.21
C PHE A 49 -30.60 -17.76 -9.58
N CYS A 50 -31.12 -16.81 -8.82
CA CYS A 50 -32.35 -16.13 -9.13
C CYS A 50 -32.00 -14.90 -9.96
N PRO A 51 -32.58 -14.76 -11.17
CA PRO A 51 -32.33 -13.61 -12.06
C PRO A 51 -32.64 -12.24 -11.44
N LYS A 52 -33.35 -12.25 -10.35
CA LYS A 52 -33.74 -11.05 -9.69
C LYS A 52 -32.61 -10.52 -8.79
N ASP A 53 -31.69 -11.38 -8.43
CA ASP A 53 -30.55 -11.01 -7.57
C ASP A 53 -29.39 -10.46 -8.39
N VAL A 54 -29.62 -9.30 -9.01
CA VAL A 54 -28.64 -8.60 -9.82
C VAL A 54 -27.68 -7.84 -8.90
N LEU A 55 -26.38 -8.06 -9.06
CA LEU A 55 -25.39 -7.34 -8.27
C LEU A 55 -24.84 -6.15 -9.01
N GLY A 56 -25.11 -6.07 -10.31
CA GLY A 56 -24.56 -5.01 -11.15
C GLY A 56 -24.16 -5.49 -12.52
N HIS A 57 -23.30 -4.72 -13.18
CA HIS A 57 -22.82 -5.06 -14.50
C HIS A 57 -21.34 -4.82 -14.60
N GLY A 58 -20.68 -5.61 -15.45
CA GLY A 58 -19.29 -5.38 -15.82
C GLY A 58 -19.22 -4.58 -17.12
N ALA A 59 -18.45 -5.08 -18.09
CA ALA A 59 -18.42 -4.46 -19.39
C ALA A 59 -19.81 -4.50 -20.03
N GLU A 60 -20.06 -3.55 -20.92
CA GLU A 60 -21.28 -3.49 -21.68
C GLU A 60 -21.59 -4.85 -22.30
N GLY A 61 -22.78 -5.36 -22.04
CA GLY A 61 -23.16 -6.71 -22.50
C GLY A 61 -23.00 -7.81 -21.47
N THR A 62 -22.51 -7.49 -20.26
CA THR A 62 -22.47 -8.46 -19.17
C THR A 62 -23.43 -8.07 -18.02
N ILE A 63 -23.93 -9.08 -17.34
CA ILE A 63 -24.69 -8.87 -16.11
C ILE A 63 -24.19 -9.82 -15.03
N VAL A 64 -24.13 -9.34 -13.80
CA VAL A 64 -23.69 -10.14 -12.66
C VAL A 64 -24.84 -10.41 -11.71
N TYR A 65 -24.99 -11.69 -11.32
CA TYR A 65 -26.04 -12.14 -10.40
C TYR A 65 -25.40 -12.71 -9.12
N ARG A 66 -26.13 -12.71 -8.01
CA ARG A 66 -25.71 -13.48 -6.83
C ARG A 66 -26.23 -14.91 -7.00
N GLY A 67 -25.45 -15.90 -6.58
CA GLY A 67 -25.84 -17.30 -6.76
C GLY A 67 -25.11 -18.28 -5.86
N MET A 68 -25.21 -19.55 -6.25
CA MET A 68 -24.68 -20.66 -5.46
C MET A 68 -23.85 -21.58 -6.35
N PHE A 69 -22.76 -22.11 -5.78
CA PHE A 69 -21.94 -23.14 -6.41
C PHE A 69 -21.43 -24.01 -5.27
N ASP A 70 -21.79 -25.29 -5.27
CA ASP A 70 -21.29 -26.25 -4.27
C ASP A 70 -21.52 -25.76 -2.83
N ASN A 71 -22.71 -25.24 -2.61
CA ASN A 71 -23.11 -24.63 -1.35
C ASN A 71 -22.30 -23.40 -0.90
N ARG A 72 -21.60 -22.76 -1.84
CA ARG A 72 -20.88 -21.52 -1.57
C ARG A 72 -21.60 -20.35 -2.24
N ASP A 73 -21.48 -19.17 -1.64
CA ASP A 73 -21.98 -17.97 -2.27
C ASP A 73 -21.03 -17.53 -3.36
N VAL A 74 -21.58 -17.25 -4.53
CA VAL A 74 -20.79 -16.78 -5.67
C VAL A 74 -21.42 -15.59 -6.37
N ALA A 75 -20.57 -14.87 -7.09
CA ALA A 75 -21.01 -13.85 -8.05
C ALA A 75 -20.94 -14.50 -9.42
N VAL A 76 -22.00 -14.37 -10.18
CA VAL A 76 -22.10 -15.05 -11.48
C VAL A 76 -22.28 -14.05 -12.59
N LYS A 77 -21.24 -13.88 -13.39
CA LYS A 77 -21.28 -12.99 -14.54
C LYS A 77 -21.77 -13.76 -15.76
N ARG A 78 -22.86 -13.27 -16.36
CA ARG A 78 -23.35 -13.80 -17.59
C ARG A 78 -22.74 -13.02 -18.76
N ILE A 79 -22.17 -13.72 -19.73
CA ILE A 79 -21.56 -13.06 -20.90
C ILE A 79 -22.05 -13.65 -22.22
N LEU A 80 -22.06 -12.80 -23.25
CA LEU A 80 -22.49 -13.17 -24.59
C LEU A 80 -21.42 -13.91 -25.43
N PRO A 81 -21.80 -14.44 -26.58
CA PRO A 81 -20.89 -15.25 -27.40
C PRO A 81 -19.65 -14.48 -27.89
N GLU A 82 -19.79 -13.20 -28.17
CA GLU A 82 -18.68 -12.41 -28.66
C GLU A 82 -17.55 -12.40 -27.65
N CYS A 83 -17.87 -12.62 -26.39
CA CYS A 83 -16.88 -12.66 -25.33
C CYS A 83 -16.38 -14.04 -24.90
N PHE A 84 -16.77 -15.11 -25.58
CA PHE A 84 -16.47 -16.44 -25.05
C PHE A 84 -14.99 -16.83 -24.91
N SER A 85 -14.16 -16.59 -25.92
CA SER A 85 -12.71 -16.86 -25.76
C SER A 85 -11.89 -15.68 -25.16
N PHE A 86 -12.52 -14.50 -25.08
CA PHE A 86 -11.98 -13.33 -24.38
C PHE A 86 -11.94 -13.60 -22.87
N ALA A 87 -12.92 -14.37 -22.38
CA ALA A 87 -13.01 -14.76 -20.95
C ALA A 87 -12.30 -16.07 -20.63
N ASP A 88 -12.21 -16.97 -21.61
CA ASP A 88 -11.39 -18.20 -21.47
C ASP A 88 -9.90 -17.85 -21.32
N ARG A 89 -9.46 -16.77 -21.98
CA ARG A 89 -8.10 -16.22 -21.82
C ARG A 89 -7.86 -15.73 -20.40
N GLU A 90 -8.88 -15.11 -19.81
CA GLU A 90 -8.80 -14.58 -18.44
C GLU A 90 -8.97 -15.64 -17.35
N VAL A 91 -9.66 -16.74 -17.69
CA VAL A 91 -9.82 -17.89 -16.79
C VAL A 91 -8.54 -18.76 -16.75
N GLN A 92 -7.84 -18.86 -17.88
CA GLN A 92 -6.55 -19.56 -17.95
C GLN A 92 -5.54 -18.90 -17.00
N LEU A 93 -5.52 -17.56 -16.98
CA LEU A 93 -4.70 -16.78 -16.04
C LEU A 93 -5.08 -16.98 -14.57
N LEU A 94 -6.33 -17.37 -14.34
CA LEU A 94 -6.92 -17.45 -13.00
C LEU A 94 -7.09 -18.84 -12.34
N ARG A 95 -6.44 -19.83 -12.90
CA ARG A 95 -6.27 -21.07 -12.27
C ARG A 95 -4.81 -21.00 -11.79
N GLU A 96 -4.13 -19.91 -12.14
CA GLU A 96 -2.73 -19.72 -11.82
C GLU A 96 -2.42 -18.53 -10.90
N SER A 97 -3.27 -17.51 -10.95
CA SER A 97 -3.12 -16.32 -10.10
C SER A 97 -3.93 -16.25 -8.78
N ASP A 98 -5.12 -16.81 -8.78
CA ASP A 98 -6.01 -16.74 -7.63
C ASP A 98 -5.77 -17.71 -6.47
N GLU A 99 -4.57 -18.27 -6.38
CA GLU A 99 -4.13 -19.09 -5.27
C GLU A 99 -3.47 -18.22 -4.23
N HIS A 100 -3.90 -16.99 -4.16
CA HIS A 100 -3.39 -16.00 -3.21
C HIS A 100 -4.57 -15.46 -2.42
N PRO A 101 -4.40 -15.24 -1.10
CA PRO A 101 -5.58 -14.79 -0.31
C PRO A 101 -6.23 -13.46 -0.76
N ASN A 102 -5.48 -12.59 -1.44
CA ASN A 102 -5.94 -11.26 -1.83
C ASN A 102 -6.09 -11.08 -3.34
N VAL A 103 -6.28 -12.20 -4.01
CA VAL A 103 -6.78 -12.22 -5.37
C VAL A 103 -8.09 -13.02 -5.27
N ILE A 104 -9.10 -12.54 -5.96
CA ILE A 104 -10.42 -13.12 -5.94
C ILE A 104 -10.38 -14.57 -6.46
N ARG A 105 -11.03 -15.48 -5.73
CA ARG A 105 -11.09 -16.90 -6.08
C ARG A 105 -12.03 -17.17 -7.26
N TYR A 106 -11.54 -17.91 -8.24
CA TYR A 106 -12.35 -18.37 -9.36
C TYR A 106 -12.91 -19.72 -8.97
N PHE A 107 -14.16 -19.98 -9.33
CA PHE A 107 -14.79 -21.25 -9.00
C PHE A 107 -15.22 -22.10 -10.18
N CYS A 108 -16.00 -21.51 -11.08
CA CYS A 108 -16.65 -22.31 -12.11
C CYS A 108 -17.00 -21.53 -13.37
N THR A 109 -17.06 -22.25 -14.50
CA THR A 109 -17.60 -21.71 -15.74
C THR A 109 -18.64 -22.68 -16.30
N GLU A 110 -19.79 -22.17 -16.70
CA GLU A 110 -20.84 -23.01 -17.27
C GLU A 110 -21.43 -22.39 -18.52
N LYS A 111 -21.94 -23.25 -19.39
CA LYS A 111 -22.36 -22.85 -20.72
C LYS A 111 -23.82 -23.17 -20.98
N ASP A 112 -24.53 -22.15 -21.40
CA ASP A 112 -25.89 -22.20 -21.89
C ASP A 112 -25.95 -22.44 -23.37
N ARG A 113 -27.16 -22.51 -23.89
CA ARG A 113 -27.39 -22.43 -25.32
C ARG A 113 -26.95 -21.08 -25.83
N GLN A 114 -27.18 -20.03 -25.06
CA GLN A 114 -26.81 -18.68 -25.50
C GLN A 114 -25.73 -17.92 -24.72
N PHE A 115 -25.35 -18.38 -23.54
CA PHE A 115 -24.51 -17.59 -22.64
C PHE A 115 -23.41 -18.37 -21.96
N GLN A 116 -22.42 -17.65 -21.43
CA GLN A 116 -21.47 -18.26 -20.51
C GLN A 116 -21.68 -17.69 -19.12
N TYR A 117 -21.37 -18.48 -18.11
CA TYR A 117 -21.57 -18.09 -16.72
C TYR A 117 -20.28 -18.27 -15.96
N ILE A 118 -19.76 -17.17 -15.41
CA ILE A 118 -18.53 -17.20 -14.63
C ILE A 118 -18.87 -16.96 -13.18
N ALA A 119 -18.41 -17.86 -12.32
CA ALA A 119 -18.73 -17.82 -10.92
C ALA A 119 -17.46 -17.58 -10.12
N ILE A 120 -17.45 -16.53 -9.33
CA ILE A 120 -16.34 -16.23 -8.46
C ILE A 120 -16.87 -15.99 -7.05
N GLU A 121 -15.96 -15.88 -6.12
CA GLU A 121 -16.28 -15.72 -4.71
C GLU A 121 -17.17 -14.48 -4.48
N LEU A 122 -18.28 -14.66 -3.75
CA LEU A 122 -19.12 -13.53 -3.41
C LEU A 122 -18.43 -12.68 -2.36
N CYS A 123 -18.42 -11.37 -2.57
CA CYS A 123 -17.84 -10.40 -1.67
C CYS A 123 -18.89 -9.44 -1.08
N ALA A 124 -18.58 -8.82 0.04
CA ALA A 124 -19.52 -7.94 0.75
C ALA A 124 -19.58 -6.53 0.15
N ALA A 125 -18.46 -6.02 -0.32
CA ALA A 125 -18.38 -4.62 -0.71
C ALA A 125 -17.19 -4.35 -1.61
N THR A 126 -17.16 -3.13 -2.15
CA THR A 126 -15.96 -2.61 -2.79
C THR A 126 -15.28 -1.65 -1.85
N LEU A 127 -14.03 -1.37 -2.15
CA LEU A 127 -13.23 -0.43 -1.38
C LEU A 127 -13.81 0.98 -1.46
N GLN A 128 -14.38 1.34 -2.61
CA GLN A 128 -15.07 2.62 -2.71
C GLN A 128 -16.18 2.71 -1.68
N GLU A 129 -17.00 1.66 -1.61
CA GLU A 129 -18.14 1.61 -0.70
C GLU A 129 -17.66 1.76 0.73
N TYR A 130 -16.64 0.98 1.08
CA TYR A 130 -15.96 1.06 2.39
C TYR A 130 -15.53 2.47 2.75
N VAL A 131 -14.83 3.13 1.83
CA VAL A 131 -14.23 4.44 2.10
C VAL A 131 -15.30 5.52 2.24
N GLU A 132 -16.27 5.53 1.34
CA GLU A 132 -17.26 6.62 1.26
C GLU A 132 -18.35 6.56 2.32
N GLN A 133 -18.65 5.36 2.82
CA GLN A 133 -19.79 5.12 3.72
C GLN A 133 -19.41 4.87 5.19
N LYS A 134 -18.33 4.15 5.44
CA LYS A 134 -17.97 3.82 6.81
C LYS A 134 -17.41 5.01 7.61
N ASP A 135 -17.70 5.01 8.91
CA ASP A 135 -17.16 5.99 9.84
C ASP A 135 -15.76 5.53 10.25
N PHE A 136 -14.76 6.32 9.90
CA PHE A 136 -13.35 5.98 10.14
C PHE A 136 -12.92 6.07 11.62
N ALA A 137 -13.70 6.76 12.45
CA ALA A 137 -13.43 6.79 13.89
C ALA A 137 -13.33 5.38 14.50
N HIS A 138 -14.15 4.45 14.04
CA HIS A 138 -14.23 3.11 14.64
C HIS A 138 -13.45 2.01 13.91
N LEU A 139 -12.62 2.38 12.94
CA LEU A 139 -11.93 1.38 12.09
C LEU A 139 -10.47 1.06 12.48
N GLY A 140 -9.87 1.88 13.35
CA GLY A 140 -8.49 1.68 13.77
C GLY A 140 -7.54 1.55 12.59
N LEU A 141 -6.78 0.46 12.59
CA LEU A 141 -5.79 0.16 11.56
C LEU A 141 -6.32 -0.60 10.34
N GLU A 142 -7.60 -0.95 10.30
CA GLU A 142 -8.13 -1.78 9.22
C GLU A 142 -7.89 -1.21 7.80
N PRO A 143 -8.15 0.09 7.59
CA PRO A 143 -7.98 0.61 6.23
C PRO A 143 -6.57 0.41 5.70
N ILE A 144 -5.59 0.60 6.56
CA ILE A 144 -4.21 0.39 6.23
C ILE A 144 -3.87 -1.08 5.95
N THR A 145 -4.47 -2.00 6.71
CA THR A 145 -4.36 -3.44 6.46
C THR A 145 -4.96 -3.84 5.09
N LEU A 146 -6.08 -3.23 4.71
CA LEU A 146 -6.68 -3.48 3.41
C LEU A 146 -5.74 -3.01 2.30
N LEU A 147 -5.04 -1.91 2.55
CA LEU A 147 -4.03 -1.40 1.64
C LEU A 147 -2.85 -2.38 1.47
N GLN A 148 -2.40 -2.96 2.58
CA GLN A 148 -1.38 -3.99 2.62
C GLN A 148 -1.78 -5.24 1.83
N GLN A 149 -3.02 -5.68 2.04
CA GLN A 149 -3.54 -6.86 1.38
C GLN A 149 -3.63 -6.66 -0.12
N THR A 150 -4.10 -5.49 -0.52
CA THR A 150 -4.23 -5.14 -1.91
C THR A 150 -2.87 -5.16 -2.60
N THR A 151 -1.92 -4.45 -2.01
CA THR A 151 -0.54 -4.42 -2.49
C THR A 151 0.10 -5.80 -2.59
N SER A 152 -0.23 -6.63 -1.63
CA SER A 152 0.26 -7.97 -1.57
C SER A 152 -0.29 -8.84 -2.71
N GLY A 153 -1.59 -8.69 -2.98
CA GLY A 153 -2.25 -9.30 -4.13
C GLY A 153 -1.63 -8.83 -5.43
N LEU A 154 -1.32 -7.54 -5.48
CA LEU A 154 -0.64 -6.96 -6.61
C LEU A 154 0.76 -7.51 -6.78
N ALA A 155 1.48 -7.74 -5.69
CA ALA A 155 2.83 -8.29 -5.79
C ALA A 155 2.81 -9.71 -6.34
N HIS A 156 1.79 -10.44 -5.95
CA HIS A 156 1.59 -11.79 -6.43
C HIS A 156 1.42 -11.78 -7.93
N LEU A 157 0.50 -10.96 -8.42
CA LEU A 157 0.26 -10.81 -9.84
C LEU A 157 1.53 -10.45 -10.61
N HIS A 158 2.24 -9.43 -10.12
CA HIS A 158 3.46 -9.00 -10.79
C HIS A 158 4.53 -10.09 -10.84
N SER A 159 4.56 -10.92 -9.81
CA SER A 159 5.52 -12.02 -9.71
C SER A 159 5.23 -13.12 -10.72
N LEU A 160 3.99 -13.15 -11.22
CA LEU A 160 3.58 -14.05 -12.32
C LEU A 160 3.61 -13.38 -13.69
N ASN A 161 4.29 -12.24 -13.81
CA ASN A 161 4.38 -11.47 -15.07
C ASN A 161 3.07 -10.82 -15.54
N ILE A 162 2.17 -10.57 -14.60
CA ILE A 162 0.88 -10.00 -14.93
C ILE A 162 0.77 -8.56 -14.43
N VAL A 163 0.50 -7.64 -15.34
CA VAL A 163 0.19 -6.28 -14.99
C VAL A 163 -1.31 -6.17 -15.05
N HIS A 164 -1.93 -5.68 -13.97
CA HIS A 164 -3.38 -5.55 -13.96
C HIS A 164 -3.99 -4.46 -14.86
N ARG A 165 -3.40 -3.30 -14.87
CA ARG A 165 -3.76 -2.20 -15.75
C ARG A 165 -5.06 -1.39 -15.47
N ASP A 166 -5.85 -1.86 -14.50
CA ASP A 166 -7.12 -1.22 -14.18
C ASP A 166 -7.43 -1.11 -12.70
N LEU A 167 -6.39 -0.93 -11.89
CA LEU A 167 -6.59 -0.84 -10.45
C LEU A 167 -7.40 0.39 -10.06
N LYS A 168 -8.39 0.20 -9.21
CA LYS A 168 -9.20 1.29 -8.67
C LYS A 168 -10.04 0.84 -7.46
N PRO A 169 -10.59 1.78 -6.69
CA PRO A 169 -11.37 1.37 -5.52
C PRO A 169 -12.63 0.55 -5.84
N HIS A 170 -13.13 0.75 -7.06
CA HIS A 170 -14.34 0.12 -7.56
C HIS A 170 -14.21 -1.38 -7.79
N ASN A 171 -13.01 -1.89 -8.04
CA ASN A 171 -12.77 -3.33 -8.21
C ASN A 171 -11.80 -3.96 -7.19
N ILE A 172 -11.47 -3.22 -6.15
CA ILE A 172 -10.84 -3.82 -4.99
C ILE A 172 -11.97 -4.26 -4.04
N LEU A 173 -12.16 -5.57 -3.92
CA LEU A 173 -13.34 -6.11 -3.27
C LEU A 173 -13.04 -6.46 -1.84
N ILE A 174 -14.03 -6.26 -0.99
CA ILE A 174 -13.93 -6.54 0.42
C ILE A 174 -14.72 -7.81 0.65
N SER A 175 -14.06 -8.81 1.23
CA SER A 175 -14.66 -10.08 1.51
C SER A 175 -15.84 -9.99 2.48
N MET A 176 -16.64 -11.06 2.50
CA MET A 176 -17.59 -11.29 3.59
C MET A 176 -16.79 -11.44 4.88
N PRO A 177 -17.27 -10.86 6.00
CA PRO A 177 -16.56 -11.07 7.27
C PRO A 177 -16.64 -12.51 7.75
N ASN A 178 -15.60 -12.96 8.47
CA ASN A 178 -15.68 -14.23 9.17
C ASN A 178 -16.37 -14.06 10.52
N ALA A 179 -16.49 -15.14 11.29
CA ALA A 179 -17.28 -15.11 12.52
C ALA A 179 -16.78 -14.10 13.56
N HIS A 180 -15.51 -13.68 13.44
CA HIS A 180 -14.96 -12.63 14.30
C HIS A 180 -14.97 -11.24 13.65
N GLY A 181 -15.68 -11.09 12.53
CA GLY A 181 -15.84 -9.79 11.86
C GLY A 181 -14.63 -9.31 11.09
N LYS A 182 -13.65 -10.19 10.91
CA LYS A 182 -12.42 -9.90 10.19
C LYS A 182 -12.70 -9.87 8.69
N ILE A 183 -12.14 -8.92 7.98
CA ILE A 183 -12.31 -8.82 6.52
C ILE A 183 -10.97 -8.75 5.81
N LYS A 184 -11.01 -8.87 4.49
CA LYS A 184 -9.83 -8.67 3.66
C LYS A 184 -10.15 -8.17 2.26
N ALA A 185 -9.17 -7.48 1.66
CA ALA A 185 -9.27 -7.01 0.28
C ALA A 185 -8.78 -8.03 -0.71
N MET A 186 -9.41 -8.04 -1.87
CA MET A 186 -9.08 -8.95 -2.96
C MET A 186 -9.12 -8.17 -4.26
N ILE A 187 -8.11 -8.38 -5.09
CA ILE A 187 -8.05 -7.79 -6.41
C ILE A 187 -8.89 -8.61 -7.38
N SER A 188 -9.63 -7.90 -8.23
CA SER A 188 -10.57 -8.47 -9.18
C SER A 188 -10.43 -7.74 -10.53
N ASP A 189 -11.29 -8.07 -11.47
CA ASP A 189 -11.45 -7.33 -12.72
C ASP A 189 -10.21 -7.42 -13.64
N PHE A 190 -10.03 -8.60 -14.21
CA PHE A 190 -8.82 -8.91 -15.00
C PHE A 190 -8.95 -8.72 -16.52
N GLY A 191 -10.02 -8.05 -16.95
CA GLY A 191 -10.29 -7.78 -18.35
C GLY A 191 -9.24 -6.98 -19.10
N LEU A 192 -8.43 -6.22 -18.39
CA LEU A 192 -7.35 -5.47 -19.04
C LEU A 192 -5.95 -5.99 -18.68
N CYS A 193 -5.88 -7.08 -17.93
CA CYS A 193 -4.61 -7.70 -17.55
C CYS A 193 -3.80 -8.09 -18.74
N LYS A 194 -2.49 -7.97 -18.61
CA LYS A 194 -1.57 -8.37 -19.66
C LYS A 194 -0.46 -9.20 -19.02
N LYS A 195 -0.33 -10.45 -19.49
CA LYS A 195 0.81 -11.29 -19.12
C LYS A 195 1.97 -11.04 -20.09
N LEU A 196 3.03 -10.46 -19.56
CA LEU A 196 4.24 -10.24 -20.32
C LEU A 196 4.87 -11.58 -20.62
N ALA A 197 5.29 -11.78 -21.86
CA ALA A 197 5.96 -13.01 -22.26
C ALA A 197 7.28 -13.16 -21.52
N VAL A 198 7.77 -14.41 -21.42
CA VAL A 198 9.04 -14.72 -20.74
C VAL A 198 10.19 -13.93 -21.37
N GLY A 199 10.99 -13.27 -20.55
CA GLY A 199 12.06 -12.40 -21.05
C GLY A 199 11.62 -11.06 -21.66
N ARG A 200 10.38 -10.65 -21.41
CA ARG A 200 9.95 -9.27 -21.68
C ARG A 200 9.66 -8.55 -20.35
N HIS A 201 10.02 -7.28 -20.27
CA HIS A 201 9.88 -6.54 -19.04
C HIS A 201 8.98 -5.32 -19.17
N SER A 202 8.39 -5.17 -20.33
CA SER A 202 7.52 -4.04 -20.61
C SER A 202 6.48 -4.43 -21.63
N PHE A 203 5.57 -3.51 -21.92
CA PHE A 203 4.57 -3.74 -22.92
C PHE A 203 4.29 -2.41 -23.58
N SER A 204 3.82 -2.42 -24.83
CA SER A 204 3.60 -1.19 -25.58
C SER A 204 2.13 -0.74 -25.59
N ARG A 205 1.91 0.53 -25.90
CA ARG A 205 0.59 1.13 -25.95
C ARG A 205 -0.25 0.53 -27.05
N ARG A 206 -1.56 0.56 -26.87
CA ARG A 206 -2.51 0.24 -27.93
C ARG A 206 -3.56 1.35 -27.95
N SER A 207 -4.42 1.31 -28.96
CA SER A 207 -5.58 2.18 -29.00
C SER A 207 -6.52 1.85 -27.85
N GLY A 208 -7.37 2.79 -27.51
CA GLY A 208 -8.43 2.52 -26.54
C GLY A 208 -7.99 2.91 -25.16
N VAL A 209 -8.96 2.93 -24.24
CA VAL A 209 -8.72 3.44 -22.89
C VAL A 209 -7.96 2.41 -22.05
N PRO A 210 -6.68 2.68 -21.76
CA PRO A 210 -5.87 1.73 -20.99
C PRO A 210 -6.05 1.91 -19.47
N GLY A 211 -7.23 1.53 -18.98
CA GLY A 211 -7.61 1.72 -17.57
C GLY A 211 -8.90 2.51 -17.39
N THR A 212 -9.02 3.16 -16.24
CA THR A 212 -10.17 3.98 -15.96
C THR A 212 -9.71 5.43 -15.77
N GLU A 213 -10.36 6.36 -16.44
CA GLU A 213 -10.08 7.79 -16.31
C GLU A 213 -10.01 8.23 -14.83
N GLY A 214 -8.90 8.87 -14.49
CA GLY A 214 -8.63 9.32 -13.13
C GLY A 214 -7.66 8.43 -12.38
N TRP A 215 -7.35 7.25 -12.92
CA TRP A 215 -6.44 6.33 -12.28
C TRP A 215 -5.33 5.80 -13.20
N ILE A 216 -5.17 6.41 -14.38
CA ILE A 216 -4.26 5.92 -15.43
C ILE A 216 -2.92 6.62 -15.31
N ALA A 217 -1.85 5.82 -15.23
CA ALA A 217 -0.51 6.35 -15.16
C ALA A 217 -0.19 7.18 -16.42
N PRO A 218 0.48 8.33 -16.25
CA PRO A 218 0.66 9.28 -17.33
C PRO A 218 1.34 8.72 -18.56
N GLU A 219 2.27 7.80 -18.37
CA GLU A 219 2.97 7.18 -19.49
C GLU A 219 2.10 6.33 -20.41
N MET A 220 0.83 6.16 -20.08
CA MET A 220 -0.07 5.45 -20.99
C MET A 220 -0.75 6.35 -22.01
N LEU A 221 -0.65 7.66 -21.79
CA LEU A 221 -1.35 8.67 -22.58
C LEU A 221 -0.47 9.83 -23.06
N SER A 222 0.70 10.04 -22.47
CA SER A 222 1.45 11.30 -22.66
C SER A 222 2.15 11.39 -24.02
N GLU A 223 2.55 12.62 -24.35
CA GLU A 223 3.11 12.98 -25.65
C GLU A 223 4.63 12.71 -25.70
N ASP A 224 5.09 12.20 -26.85
CA ASP A 224 6.51 11.97 -27.13
C ASP A 224 7.20 11.14 -26.04
N CYS A 225 6.49 10.12 -25.56
CA CYS A 225 7.02 9.23 -24.54
C CYS A 225 7.85 8.16 -25.22
N LYS A 226 9.10 8.01 -24.80
CA LYS A 226 10.04 7.12 -25.49
C LYS A 226 10.36 5.80 -24.76
N GLU A 227 9.73 5.53 -23.61
CA GLU A 227 9.88 4.22 -22.96
C GLU A 227 8.52 3.54 -22.89
N ASN A 228 8.52 2.22 -22.95
CA ASN A 228 7.30 1.46 -22.84
C ASN A 228 6.82 1.38 -21.40
N PRO A 229 5.49 1.33 -21.20
CA PRO A 229 4.93 1.08 -19.88
C PRO A 229 5.33 -0.28 -19.31
N THR A 230 5.25 -0.37 -17.99
CA THR A 230 5.55 -1.60 -17.31
C THR A 230 4.78 -1.71 -15.98
N TYR A 231 5.20 -2.60 -15.09
CA TYR A 231 4.45 -2.92 -13.85
C TYR A 231 4.11 -1.67 -13.02
N THR A 232 4.95 -0.66 -13.13
CA THR A 232 4.84 0.54 -12.37
C THR A 232 3.56 1.33 -12.64
N VAL A 233 2.83 1.01 -13.71
CA VAL A 233 1.54 1.64 -13.94
C VAL A 233 0.54 1.25 -12.85
N ASP A 234 0.65 0.03 -12.37
CA ASP A 234 -0.17 -0.41 -11.24
C ASP A 234 0.23 0.28 -9.95
N ILE A 235 1.50 0.67 -9.84
CA ILE A 235 1.98 1.32 -8.65
C ILE A 235 1.42 2.76 -8.58
N PHE A 236 1.36 3.43 -9.72
CA PHE A 236 0.75 4.74 -9.81
C PHE A 236 -0.74 4.72 -9.40
N SER A 237 -1.48 3.77 -9.96
CA SER A 237 -2.86 3.59 -9.63
C SER A 237 -3.05 3.28 -8.15
N ALA A 238 -2.20 2.40 -7.61
CA ALA A 238 -2.28 2.04 -6.20
C ALA A 238 -1.96 3.23 -5.33
N GLY A 239 -0.98 4.02 -5.74
CA GLY A 239 -0.61 5.22 -5.03
C GLY A 239 -1.80 6.13 -4.85
N CYS A 240 -2.54 6.34 -5.93
CA CYS A 240 -3.78 7.08 -5.87
C CYS A 240 -4.79 6.43 -4.93
N VAL A 241 -4.91 5.12 -5.00
CA VAL A 241 -5.84 4.37 -4.14
C VAL A 241 -5.48 4.52 -2.66
N PHE A 242 -4.17 4.48 -2.39
CA PHE A 242 -3.66 4.66 -1.04
C PHE A 242 -4.14 5.97 -0.45
N TYR A 243 -3.95 7.06 -1.19
CA TYR A 243 -4.34 8.36 -0.69
C TYR A 243 -5.85 8.47 -0.58
N TYR A 244 -6.55 7.86 -1.53
CA TYR A 244 -7.99 7.83 -1.51
C TYR A 244 -8.53 7.18 -0.21
N VAL A 245 -7.94 6.06 0.20
CA VAL A 245 -8.35 5.41 1.46
C VAL A 245 -8.07 6.30 2.67
N ILE A 246 -6.83 6.80 2.78
CA ILE A 246 -6.42 7.57 3.98
C ILE A 246 -6.94 9.01 4.03
N SER A 247 -7.32 9.60 2.90
CA SER A 247 -7.91 10.94 2.89
C SER A 247 -9.42 10.89 3.14
N GLU A 248 -9.94 9.66 3.23
CA GLU A 248 -11.38 9.38 3.28
C GLU A 248 -12.13 9.88 2.07
N GLY A 249 -11.55 9.69 0.89
CA GLY A 249 -12.26 9.91 -0.37
C GLY A 249 -11.72 10.92 -1.35
N SER A 250 -10.64 11.62 -1.01
CA SER A 250 -10.02 12.56 -1.96
C SER A 250 -9.09 11.81 -2.88
N HIS A 251 -8.51 12.53 -3.82
CA HIS A 251 -7.67 11.96 -4.86
C HIS A 251 -6.53 12.94 -5.06
N PRO A 252 -5.29 12.45 -5.19
CA PRO A 252 -4.13 13.33 -5.35
C PRO A 252 -4.24 14.32 -6.49
N PHE A 253 -5.02 14.01 -7.51
CA PHE A 253 -5.12 14.84 -8.71
C PHE A 253 -6.44 15.60 -8.88
N GLY A 254 -7.23 15.70 -7.81
CA GLY A 254 -8.41 16.56 -7.78
C GLY A 254 -9.75 15.86 -7.93
N LYS A 255 -10.79 16.65 -8.18
CA LYS A 255 -12.14 16.14 -8.40
C LYS A 255 -12.25 15.41 -9.75
N SER A 256 -13.25 14.54 -9.89
CA SER A 256 -13.29 13.58 -10.99
C SER A 256 -13.30 14.21 -12.37
N LEU A 257 -13.72 15.47 -12.46
CA LEU A 257 -13.80 16.17 -13.72
C LEU A 257 -12.47 16.44 -14.41
N GLN A 258 -11.44 16.82 -13.68
CA GLN A 258 -10.17 17.18 -14.36
C GLN A 258 -8.95 16.47 -13.79
N ARG A 259 -9.16 15.31 -13.20
CA ARG A 259 -8.06 14.60 -12.60
C ARG A 259 -7.17 13.84 -13.58
N GLN A 260 -7.73 13.29 -14.64
CA GLN A 260 -6.89 12.70 -15.69
C GLN A 260 -6.03 13.77 -16.38
N ALA A 261 -6.62 14.93 -16.66
CA ALA A 261 -5.86 16.04 -17.23
C ALA A 261 -4.78 16.48 -16.23
N ASN A 262 -5.10 16.49 -14.94
CA ASN A 262 -4.08 16.83 -13.94
C ASN A 262 -2.98 15.80 -13.81
N ILE A 263 -3.31 14.54 -14.03
CA ILE A 263 -2.31 13.47 -14.06
C ILE A 263 -1.26 13.74 -15.16
N LEU A 264 -1.71 14.06 -16.38
CA LEU A 264 -0.77 14.38 -17.47
C LEU A 264 0.06 15.63 -17.19
N LEU A 265 -0.51 16.60 -16.47
CA LEU A 265 0.22 17.82 -16.09
C LEU A 265 1.12 17.65 -14.89
N GLY A 266 1.04 16.52 -14.19
CA GLY A 266 1.81 16.35 -12.95
C GLY A 266 1.38 17.16 -11.74
N ALA A 267 0.18 17.75 -11.83
CA ALA A 267 -0.34 18.61 -10.79
C ALA A 267 -1.11 17.81 -9.75
N CYS A 268 -0.42 17.35 -8.71
CA CYS A 268 -1.04 16.67 -7.58
C CYS A 268 -0.97 17.51 -6.32
N SER A 269 -1.71 17.09 -5.31
CA SER A 269 -1.74 17.69 -4.01
C SER A 269 -2.14 16.64 -3.00
N LEU A 270 -1.45 16.62 -1.86
CA LEU A 270 -1.75 15.70 -0.78
C LEU A 270 -2.04 16.52 0.48
N ASP A 271 -2.90 17.53 0.32
CA ASP A 271 -3.43 18.41 1.39
C ASP A 271 -3.65 17.78 2.75
N CYS A 272 -4.26 16.62 2.77
CA CYS A 272 -4.73 16.04 4.02
C CYS A 272 -3.60 15.48 4.91
N LEU A 273 -2.37 15.46 4.39
CA LEU A 273 -1.21 14.99 5.15
C LEU A 273 -0.42 16.16 5.76
N HIS A 274 -0.48 16.32 7.07
CA HIS A 274 0.25 17.38 7.75
C HIS A 274 1.74 17.20 7.67
N PRO A 275 2.48 18.28 7.42
CA PRO A 275 3.92 18.13 7.21
C PRO A 275 4.73 17.82 8.47
N GLU A 276 4.06 17.79 9.62
CA GLU A 276 4.71 17.70 10.90
C GLU A 276 3.98 16.73 11.82
N LYS A 277 3.29 15.77 11.21
CA LYS A 277 2.67 14.63 11.89
C LYS A 277 3.38 13.38 11.35
N HIS A 278 4.00 12.63 12.25
CA HIS A 278 4.81 11.45 11.89
C HIS A 278 4.13 10.46 10.92
N GLU A 279 2.89 10.08 11.23
CA GLU A 279 2.13 9.12 10.40
C GLU A 279 1.79 9.70 9.01
N ASP A 280 1.54 11.00 8.94
CA ASP A 280 1.29 11.69 7.66
C ASP A 280 2.56 11.87 6.83
N VAL A 281 3.68 12.12 7.49
CA VAL A 281 4.97 12.26 6.82
C VAL A 281 5.42 10.92 6.23
N ILE A 282 5.24 9.85 6.97
CA ILE A 282 5.57 8.51 6.49
C ILE A 282 4.67 8.16 5.31
N ALA A 283 3.39 8.49 5.44
CA ALA A 283 2.43 8.24 4.37
C ALA A 283 2.79 8.98 3.10
N ARG A 284 3.09 10.27 3.28
CA ARG A 284 3.48 11.16 2.17
C ARG A 284 4.70 10.67 1.43
N GLU A 285 5.71 10.26 2.19
CA GLU A 285 7.00 9.85 1.61
C GLU A 285 6.77 8.68 0.66
N LEU A 286 5.94 7.73 1.07
CA LEU A 286 5.60 6.61 0.23
C LEU A 286 4.74 7.02 -0.97
N ILE A 287 3.65 7.73 -0.70
CA ILE A 287 2.68 8.00 -1.74
C ILE A 287 3.23 8.87 -2.87
N GLU A 288 4.02 9.88 -2.54
CA GLU A 288 4.55 10.76 -3.58
C GLU A 288 5.51 10.01 -4.52
N LYS A 289 6.13 8.94 -4.03
CA LYS A 289 6.96 8.08 -4.87
C LYS A 289 6.14 7.10 -5.72
N MET A 290 5.07 6.55 -5.15
CA MET A 290 4.17 5.66 -5.87
C MET A 290 3.49 6.36 -7.04
N ILE A 291 3.22 7.66 -6.91
CA ILE A 291 2.56 8.42 -7.97
C ILE A 291 3.53 9.33 -8.73
N ALA A 292 4.81 9.05 -8.62
CA ALA A 292 5.82 9.79 -9.37
C ALA A 292 5.52 9.81 -10.86
N MET A 293 5.84 10.95 -11.48
CA MET A 293 5.60 11.14 -12.90
C MET A 293 6.58 10.27 -13.71
N ASP A 294 7.82 10.20 -13.24
CA ASP A 294 8.83 9.33 -13.82
C ASP A 294 8.59 7.94 -13.31
N PRO A 295 8.21 7.01 -14.20
CA PRO A 295 7.89 5.66 -13.79
C PRO A 295 9.03 4.93 -13.08
N GLN A 296 10.26 5.23 -13.43
CA GLN A 296 11.40 4.54 -12.82
C GLN A 296 11.66 4.94 -11.37
N LYS A 297 11.05 6.04 -10.91
CA LYS A 297 11.17 6.47 -9.51
C LYS A 297 10.18 5.81 -8.59
N ARG A 298 9.21 5.09 -9.14
CA ARG A 298 8.19 4.40 -8.36
C ARG A 298 8.70 3.07 -7.83
N PRO A 299 8.45 2.76 -6.56
CA PRO A 299 8.90 1.49 -6.01
C PRO A 299 8.06 0.32 -6.52
N SER A 300 8.63 -0.86 -6.61
CA SER A 300 7.85 -2.05 -6.94
C SER A 300 6.92 -2.38 -5.78
N ALA A 301 5.93 -3.21 -6.05
CA ALA A 301 4.99 -3.67 -5.05
C ALA A 301 5.68 -4.23 -3.79
N LYS A 302 6.76 -4.98 -3.99
CA LYS A 302 7.51 -5.56 -2.85
C LYS A 302 8.26 -4.51 -2.01
N HIS A 303 8.76 -3.46 -2.66
CA HIS A 303 9.34 -2.31 -1.94
C HIS A 303 8.27 -1.64 -1.08
N VAL A 304 7.08 -1.46 -1.66
CA VAL A 304 5.94 -0.84 -0.97
C VAL A 304 5.52 -1.63 0.28
N LEU A 305 5.52 -2.96 0.16
CA LEU A 305 5.19 -3.82 1.29
C LEU A 305 6.16 -3.66 2.47
N LYS A 306 7.41 -3.26 2.16
CA LYS A 306 8.45 -3.05 3.17
C LYS A 306 8.50 -1.66 3.83
N HIS A 307 7.79 -0.69 3.27
CA HIS A 307 7.77 0.70 3.75
C HIS A 307 7.20 0.85 5.18
N PRO A 308 7.71 1.83 5.96
CA PRO A 308 7.24 2.01 7.33
C PRO A 308 5.76 2.38 7.51
N PHE A 309 5.13 2.81 6.43
CA PHE A 309 3.72 3.00 6.38
C PHE A 309 2.99 1.82 6.98
N PHE A 310 3.51 0.62 6.75
CA PHE A 310 2.90 -0.63 7.24
C PHE A 310 3.43 -1.16 8.58
N TRP A 311 4.42 -0.50 9.19
CA TRP A 311 5.02 -1.01 10.45
C TRP A 311 4.23 -0.67 11.68
N SER A 312 4.09 -1.66 12.56
CA SER A 312 3.60 -1.43 13.91
C SER A 312 4.55 -0.53 14.67
N LEU A 313 4.07 0.01 15.77
CA LEU A 313 4.90 0.84 16.63
C LEU A 313 6.11 0.08 17.14
N GLU A 314 5.97 -1.18 17.54
CA GLU A 314 7.14 -1.95 18.02
C GLU A 314 8.20 -2.18 16.92
N LYS A 315 7.75 -2.36 15.68
CA LYS A 315 8.70 -2.56 14.59
C LYS A 315 9.46 -1.27 14.25
N GLN A 316 8.76 -0.14 14.29
CA GLN A 316 9.42 1.17 14.18
C GLN A 316 10.49 1.37 15.26
N LEU A 317 10.15 1.03 16.48
CA LEU A 317 11.10 1.13 17.55
C LEU A 317 12.25 0.17 17.30
N GLN A 318 11.95 -1.04 16.86
CA GLN A 318 13.01 -2.00 16.58
C GLN A 318 13.92 -1.53 15.46
N PHE A 319 13.38 -0.80 14.49
CA PHE A 319 14.18 -0.24 13.42
C PHE A 319 15.23 0.72 13.98
N PHE A 320 14.76 1.64 14.81
CA PHE A 320 15.62 2.64 15.43
C PHE A 320 16.77 1.99 16.17
N GLN A 321 16.47 0.91 16.87
CA GLN A 321 17.45 0.13 17.61
C GLN A 321 18.45 -0.62 16.71
N ASP A 322 17.93 -1.32 15.71
CA ASP A 322 18.80 -2.01 14.76
C ASP A 322 19.71 -1.01 14.04
N VAL A 323 19.20 0.18 13.73
CA VAL A 323 20.02 1.23 13.13
C VAL A 323 21.14 1.70 14.08
N SER A 324 20.83 1.85 15.36
CA SER A 324 21.77 2.33 16.34
C SER A 324 22.88 1.30 16.64
N ASP A 325 22.51 0.02 16.74
CA ASP A 325 23.47 -1.08 16.81
C ASP A 325 24.38 -1.15 15.57
N ARG A 326 23.82 -0.80 14.41
CA ARG A 326 24.54 -0.80 13.14
C ARG A 326 25.55 0.34 13.01
N ILE A 327 25.26 1.50 13.57
CA ILE A 327 26.19 2.63 13.51
C ILE A 327 26.98 2.85 14.82
N GLU A 328 26.76 1.96 15.79
CA GLU A 328 27.41 1.97 17.11
C GLU A 328 28.95 2.10 17.06
N LYS A 329 29.56 1.46 16.05
CA LYS A 329 31.01 1.49 15.84
C LYS A 329 31.39 1.98 14.44
N GLU A 330 30.61 2.90 13.88
CA GLU A 330 30.93 3.52 12.60
C GLU A 330 31.65 4.84 12.77
N SER A 331 32.41 5.23 11.76
CA SER A 331 33.17 6.49 11.80
C SER A 331 32.25 7.66 11.54
N LEU A 332 32.44 8.73 12.29
CA LEU A 332 31.79 10.01 12.02
C LEU A 332 31.86 10.43 10.53
N ASP A 333 32.93 10.08 9.83
CA ASP A 333 33.12 10.48 8.42
C ASP A 333 32.84 9.35 7.39
N GLY A 334 32.45 8.16 7.85
CA GLY A 334 32.08 7.07 6.93
C GLY A 334 30.83 7.43 6.15
N PRO A 335 30.54 6.71 5.05
CA PRO A 335 29.41 7.11 4.19
C PRO A 335 28.04 6.96 4.86
N ILE A 336 27.89 5.93 5.68
CA ILE A 336 26.61 5.65 6.36
C ILE A 336 26.20 6.79 7.29
N VAL A 337 27.07 7.10 8.24
CA VAL A 337 26.81 8.16 9.20
C VAL A 337 26.71 9.54 8.52
N LYS A 338 27.45 9.72 7.41
CA LYS A 338 27.37 10.94 6.62
C LYS A 338 25.97 11.16 6.06
N GLN A 339 25.42 10.11 5.43
CA GLN A 339 24.04 10.16 4.90
C GLN A 339 23.01 10.47 5.96
N LEU A 340 23.20 9.84 7.11
CA LEU A 340 22.30 9.99 8.25
C LEU A 340 22.30 11.40 8.79
N GLU A 341 23.44 12.09 8.72
CA GLU A 341 23.54 13.47 9.21
C GLU A 341 23.17 14.53 8.16
N ARG A 342 23.30 14.21 6.87
CA ARG A 342 22.94 15.13 5.79
C ARG A 342 21.49 15.58 5.94
N GLY A 343 21.26 16.86 6.18
CA GLY A 343 19.91 17.36 6.43
C GLY A 343 19.41 17.07 7.84
N GLY A 344 20.33 16.62 8.72
CA GLY A 344 20.00 16.13 10.05
C GLY A 344 19.47 17.19 10.98
N ARG A 345 20.08 18.37 10.98
CA ARG A 345 19.73 19.43 11.92
C ARG A 345 18.27 19.86 11.86
N ALA A 346 17.71 20.03 10.67
CA ALA A 346 16.28 20.37 10.54
C ALA A 346 15.42 19.28 11.16
N VAL A 347 15.80 18.03 10.92
CA VAL A 347 15.10 16.85 11.44
C VAL A 347 15.13 16.78 12.96
N VAL A 348 16.24 17.23 13.52
CA VAL A 348 16.50 17.16 14.94
C VAL A 348 16.07 18.46 15.66
N LYS A 349 15.51 19.38 14.88
CA LYS A 349 15.12 20.70 15.34
C LYS A 349 16.29 21.52 15.87
N MET A 350 17.41 21.41 15.16
CA MET A 350 18.64 22.14 15.47
C MET A 350 19.35 21.61 16.69
N ASP A 351 18.63 21.54 17.81
CA ASP A 351 19.11 20.85 18.99
C ASP A 351 17.96 19.98 19.47
N TRP A 352 18.19 18.67 19.58
CA TRP A 352 17.09 17.79 20.02
C TRP A 352 16.92 17.78 21.54
N ARG A 353 17.99 18.11 22.27
CA ARG A 353 17.95 18.22 23.72
C ARG A 353 16.97 19.30 24.18
N GLU A 354 16.82 20.35 23.39
CA GLU A 354 15.91 21.46 23.69
C GLU A 354 14.44 21.10 23.40
N ASN A 355 14.21 20.07 22.60
CA ASN A 355 12.85 19.69 22.21
C ASN A 355 12.36 18.39 22.83
N ILE A 356 12.93 18.04 23.97
CA ILE A 356 12.43 16.93 24.80
C ILE A 356 12.02 17.45 26.19
N THR A 357 11.38 16.61 26.98
CA THR A 357 10.92 17.02 28.31
C THR A 357 12.07 17.18 29.30
N VAL A 358 11.79 17.94 30.36
CA VAL A 358 12.81 18.38 31.31
C VAL A 358 13.47 17.21 32.09
N PRO A 359 12.67 16.21 32.52
CA PRO A 359 13.32 15.08 33.22
C PRO A 359 14.31 14.29 32.34
N LEU A 360 13.97 14.09 31.07
CA LEU A 360 14.85 13.35 30.16
C LEU A 360 16.07 14.19 29.79
N GLN A 361 15.85 15.44 29.40
CA GLN A 361 16.94 16.38 29.12
C GLN A 361 17.99 16.42 30.26
N THR A 362 17.53 16.36 31.51
CA THR A 362 18.42 16.35 32.67
C THR A 362 19.24 15.05 32.75
N ASP A 363 18.58 13.92 32.58
CA ASP A 363 19.24 12.61 32.60
C ASP A 363 20.33 12.48 31.53
N LEU A 364 20.12 13.07 30.35
CA LEU A 364 21.10 12.96 29.24
C LEU A 364 22.26 13.97 29.33
N ARG A 365 21.97 15.19 29.74
CA ARG A 365 22.97 16.24 29.93
C ARG A 365 24.12 15.76 30.83
N LYS A 366 23.74 15.06 31.90
CA LYS A 366 24.68 14.56 32.90
C LYS A 366 25.76 13.66 32.35
N PHE A 367 25.40 12.82 31.38
CA PHE A 367 26.33 11.91 30.76
C PHE A 367 27.41 12.67 30.00
N ARG A 368 27.06 13.86 29.52
CA ARG A 368 28.03 14.74 28.88
C ARG A 368 28.59 14.13 27.62
N THR A 369 27.78 13.34 26.93
CA THR A 369 28.23 12.69 25.71
C THR A 369 27.40 12.94 24.46
N TYR A 370 26.14 13.33 24.62
CA TYR A 370 25.24 13.46 23.49
C TYR A 370 25.34 14.81 22.82
N LYS A 371 25.65 14.81 21.53
CA LYS A 371 25.57 16.03 20.71
C LYS A 371 24.15 16.25 20.23
N GLY A 372 23.60 17.42 20.54
CA GLY A 372 22.21 17.74 20.22
C GLY A 372 21.95 18.10 18.77
N GLY A 373 23.02 18.29 18.00
CA GLY A 373 22.92 18.57 16.57
C GLY A 373 23.02 17.35 15.67
N SER A 374 23.06 16.16 16.28
CA SER A 374 23.36 14.91 15.60
C SER A 374 22.16 13.95 15.61
N VAL A 375 21.89 13.32 14.48
CA VAL A 375 20.86 12.29 14.37
C VAL A 375 21.33 11.01 15.05
N ARG A 376 22.61 10.68 14.85
CA ARG A 376 23.16 9.49 15.44
C ARG A 376 22.94 9.51 16.96
N ASP A 377 23.21 10.65 17.58
CA ASP A 377 23.16 10.71 19.03
C ASP A 377 21.76 10.67 19.60
N LEU A 378 20.79 11.21 18.88
CA LEU A 378 19.40 11.08 19.27
C LEU A 378 18.93 9.64 19.20
N LEU A 379 19.39 8.94 18.16
CA LEU A 379 19.07 7.53 18.03
C LEU A 379 19.75 6.73 19.12
N ARG A 380 20.96 7.11 19.47
CA ARG A 380 21.69 6.44 20.54
C ARG A 380 21.05 6.70 21.91
N ALA A 381 20.60 7.93 22.14
CA ALA A 381 19.87 8.24 23.37
C ALA A 381 18.59 7.40 23.46
N MET A 382 17.89 7.22 22.35
CA MET A 382 16.73 6.33 22.35
C MET A 382 17.08 4.88 22.65
N ARG A 383 18.10 4.38 21.97
CA ARG A 383 18.58 3.01 22.18
C ARG A 383 18.99 2.74 23.64
N ASN A 384 19.74 3.67 24.22
CA ASN A 384 20.18 3.54 25.60
C ASN A 384 19.02 3.56 26.60
N LYS A 385 18.11 4.53 26.47
CA LYS A 385 16.93 4.60 27.33
C LYS A 385 16.02 3.38 27.21
N LYS A 386 15.93 2.79 26.02
CA LYS A 386 15.23 1.51 25.87
C LYS A 386 15.93 0.36 26.58
N HIS A 387 17.24 0.30 26.45
CA HIS A 387 18.07 -0.77 27.01
C HIS A 387 18.09 -0.73 28.52
N HIS A 388 18.14 0.48 29.07
CA HIS A 388 18.34 0.68 30.48
C HIS A 388 17.03 1.07 31.16
N TYR A 389 15.89 0.80 30.50
CA TYR A 389 14.60 1.38 30.88
C TYR A 389 14.22 1.07 32.33
N ARG A 390 14.31 -0.20 32.71
CA ARG A 390 13.94 -0.61 34.08
C ARG A 390 14.82 0.15 35.11
N GLU A 391 16.10 0.27 34.81
CA GLU A 391 17.07 0.93 35.70
C GLU A 391 16.97 2.47 35.74
N LEU A 392 16.14 3.08 34.90
CA LEU A 392 16.03 4.55 34.84
C LEU A 392 15.23 5.08 36.03
N PRO A 393 15.52 6.31 36.48
CA PRO A 393 14.70 6.92 37.54
C PRO A 393 13.21 6.98 37.24
N ALA A 394 12.37 6.74 38.24
CA ALA A 394 10.91 6.65 38.05
C ALA A 394 10.32 7.71 37.12
N GLU A 395 10.70 8.96 37.34
CA GLU A 395 10.12 10.10 36.61
C GLU A 395 10.61 10.21 35.16
N VAL A 396 11.74 9.57 34.85
CA VAL A 396 12.18 9.42 33.47
C VAL A 396 11.31 8.36 32.81
N ARG A 397 11.14 7.23 33.50
CA ARG A 397 10.27 6.17 33.01
C ARG A 397 8.88 6.71 32.75
N GLU A 398 8.36 7.52 33.65
CA GLU A 398 7.01 8.05 33.47
C GLU A 398 6.90 9.08 32.35
N THR A 399 7.93 9.91 32.12
CA THR A 399 7.86 10.88 31.03
C THR A 399 7.90 10.17 29.65
N LEU A 400 8.75 9.13 29.53
CA LEU A 400 8.82 8.31 28.31
C LEU A 400 7.54 7.51 28.04
N GLY A 401 6.86 7.05 29.10
CA GLY A 401 5.71 6.17 28.94
C GLY A 401 6.18 4.75 28.75
N THR A 402 5.26 3.85 28.50
CA THR A 402 5.58 2.43 28.42
C THR A 402 6.24 1.97 27.12
N LEU A 403 6.94 0.85 27.21
CA LEU A 403 7.52 0.18 26.08
C LEU A 403 6.55 -0.86 25.59
N PRO A 404 6.43 -1.02 24.25
CA PRO A 404 7.13 -0.25 23.22
C PRO A 404 6.36 0.97 22.70
N ASP A 405 5.04 0.94 22.78
CA ASP A 405 4.17 1.88 22.05
C ASP A 405 4.36 3.36 22.43
N ASP A 406 4.25 3.68 23.71
CA ASP A 406 4.35 5.08 24.17
C ASP A 406 5.75 5.65 24.06
N PHE A 407 6.74 4.81 24.38
CA PHE A 407 8.14 5.16 24.26
C PHE A 407 8.49 5.66 22.86
N VAL A 408 8.12 4.89 21.84
CA VAL A 408 8.47 5.29 20.45
C VAL A 408 7.75 6.59 20.05
N CYS A 409 6.49 6.72 20.46
CA CYS A 409 5.67 7.90 20.16
C CYS A 409 6.19 9.15 20.84
N TYR A 410 6.82 8.99 22.00
CA TYR A 410 7.47 10.10 22.68
C TYR A 410 8.40 10.82 21.71
N PHE A 411 9.15 10.02 20.95
CA PHE A 411 10.18 10.54 20.04
C PHE A 411 9.64 10.92 18.67
N THR A 412 8.78 10.07 18.10
CA THR A 412 8.21 10.34 16.77
C THR A 412 7.21 11.50 16.74
N SER A 413 6.47 11.69 17.83
CA SER A 413 5.61 12.87 17.95
C SER A 413 6.43 14.15 18.12
N ARG A 414 7.60 14.06 18.73
CA ARG A 414 8.45 15.26 18.90
C ARG A 414 9.34 15.51 17.67
N PHE A 415 9.74 14.44 16.99
CA PHE A 415 10.56 14.57 15.78
C PHE A 415 9.89 13.82 14.63
N PRO A 416 8.90 14.46 13.99
CA PRO A 416 8.05 13.76 13.02
C PRO A 416 8.71 13.35 11.71
N HIS A 417 9.89 13.91 11.42
CA HIS A 417 10.69 13.50 10.28
C HIS A 417 11.80 12.50 10.63
N LEU A 418 11.93 12.11 11.90
CA LEU A 418 13.07 11.25 12.28
C LEU A 418 13.07 9.93 11.51
N LEU A 419 11.92 9.27 11.48
CA LEU A 419 11.84 7.94 10.86
C LEU A 419 12.00 8.01 9.36
N ALA A 420 11.18 8.81 8.70
CA ALA A 420 11.26 8.96 7.25
C ALA A 420 12.68 9.25 6.81
N HIS A 421 13.32 10.20 7.49
CA HIS A 421 14.70 10.55 7.21
C HIS A 421 15.67 9.41 7.49
N THR A 422 15.50 8.71 8.59
CA THR A 422 16.38 7.60 8.93
C THR A 422 16.19 6.45 7.94
N TYR A 423 14.96 6.25 7.50
CA TYR A 423 14.66 5.22 6.50
C TYR A 423 15.36 5.46 5.14
N ARG A 424 15.40 6.71 4.69
CA ARG A 424 16.07 7.04 3.42
C ARG A 424 17.55 6.87 3.50
N ALA A 425 18.15 7.41 4.56
CA ALA A 425 19.59 7.37 4.72
C ALA A 425 20.10 5.95 4.85
N MET A 426 19.37 5.08 5.54
CA MET A 426 19.85 3.72 5.77
C MET A 426 19.58 2.75 4.61
N GLU A 427 19.13 3.28 3.49
CA GLU A 427 18.98 2.49 2.29
C GLU A 427 20.34 2.03 1.76
N LEU A 428 21.39 2.70 2.18
CA LEU A 428 22.78 2.25 1.91
C LEU A 428 23.03 0.84 2.40
N CYS A 429 22.33 0.41 3.45
CA CYS A 429 22.48 -0.91 4.03
C CYS A 429 21.30 -1.83 3.70
N SER A 430 20.60 -1.58 2.60
CA SER A 430 19.36 -2.31 2.29
C SER A 430 19.60 -3.76 1.91
N HIS A 431 20.80 -4.09 1.46
CA HIS A 431 21.15 -5.48 1.09
C HIS A 431 21.61 -6.33 2.27
N GLU A 432 21.93 -5.67 3.39
CA GLU A 432 22.41 -6.37 4.59
C GLU A 432 21.30 -7.14 5.27
N ARG A 433 21.65 -8.32 5.77
CA ARG A 433 20.70 -9.22 6.40
C ARG A 433 19.96 -8.64 7.60
N LEU A 434 20.66 -7.85 8.41
CA LEU A 434 20.03 -7.12 9.51
C LEU A 434 18.80 -6.31 9.08
N PHE A 435 18.85 -5.74 7.87
CA PHE A 435 17.84 -4.81 7.40
C PHE A 435 16.79 -5.38 6.42
N GLN A 436 16.68 -6.69 6.28
CA GLN A 436 15.69 -7.23 5.35
C GLN A 436 14.25 -7.28 5.88
N PRO A 437 14.05 -7.13 7.21
CA PRO A 437 12.67 -6.84 7.64
C PRO A 437 12.16 -5.44 7.24
N TYR A 438 13.09 -4.55 6.89
CA TYR A 438 12.79 -3.14 6.61
C TYR A 438 12.91 -2.71 5.15
N TYR A 439 13.64 -3.46 4.33
CA TYR A 439 13.74 -3.10 2.92
C TYR A 439 13.62 -4.35 2.06
N PHE A 440 13.38 -4.18 0.77
CA PHE A 440 13.34 -5.30 -0.14
C PHE A 440 14.45 -5.25 -1.20
N HIS A 441 14.89 -6.45 -1.60
CA HIS A 441 15.86 -6.74 -2.67
C HIS A 441 16.91 -7.72 -2.18
C21 3E4 B . -22.12 -7.19 -3.46
C22 3E4 B . -22.86 -5.89 -3.43
C23 3E4 B . -21.93 -4.79 -3.06
N6 3E4 B . -22.61 -3.54 -3.23
C24 3E4 B . -20.70 -4.78 -3.95
C25 3E4 B . -20.05 -6.12 -4.09
C20 3E4 B . -21.04 -7.18 -4.49
N4 3E4 B . -20.44 -8.49 -4.55
C12 3E4 B . -19.71 -8.88 -5.53
N2 3E4 B . -19.83 -8.30 -6.68
N3 3E4 B . -18.84 -9.83 -5.36
C15 3E4 B . -18.07 -10.24 -6.32
C13 3E4 B . -18.21 -9.65 -7.54
C11 3E4 B . -19.11 -8.65 -7.70
C14 3E4 B . -19.35 -8.00 -8.89
C16 3E4 B . -20.53 -7.32 -8.96
C17 3E4 B . -20.87 -6.67 -10.10
C18 3E4 B . -20.01 -6.76 -11.13
N5 3E4 B . -18.90 -7.43 -11.06
C19 3E4 B . -18.54 -8.07 -9.99
O1 3E4 B . -17.38 -8.74 -9.93
C4 3E4 B . -16.70 -9.14 -10.98
C5 3E4 B . -15.68 -8.38 -11.50
C26 3E4 B . -15.34 -7.04 -10.96
C6 3E4 B . -14.99 -8.81 -12.58
C3 3E4 B . -16.94 -10.34 -11.52
C10 3E4 B . -17.94 -11.11 -10.99
C9 3E4 B . -18.24 -12.33 -11.52
C8 3E4 B . -17.52 -12.80 -12.58
C7 3E4 B . -16.53 -12.03 -13.12
C2 3E4 B . -16.24 -10.80 -12.59
C1 3E4 B . -15.25 -10.03 -13.13
N1 3E4 B . -14.54 -10.42 -14.14
S1 3E4 B . -13.00 -10.82 -13.94
O2 3E4 B . -12.40 -10.32 -12.72
O3 3E4 B . -12.32 -10.41 -15.11
C27 3E4 B . -12.72 -12.44 -13.71
C32 3E4 B . -12.28 -12.75 -12.46
C31 3E4 B . -12.01 -14.06 -12.16
C30 3E4 B . -12.20 -15.05 -13.10
C29 3E4 B . -12.64 -14.74 -14.35
C28 3E4 B . -12.90 -13.44 -14.65
CL1 3E4 B . -13.43 -13.16 -16.21
S SO4 C . 0.77 19.29 -0.87
O1 SO4 C . 1.94 20.16 -0.66
O2 SO4 C . 0.26 18.80 0.42
O3 SO4 C . -0.34 20.03 -1.52
O4 SO4 C . 1.22 18.15 -1.73
S SO4 D . 8.93 -8.70 9.87
O1 SO4 D . 9.48 -7.41 10.37
O2 SO4 D . 9.72 -9.12 8.68
O3 SO4 D . 7.49 -8.51 9.55
O4 SO4 D . 9.08 -9.72 10.93
S SO4 E . -12.55 -23.36 1.86
O1 SO4 E . -13.28 -22.12 1.55
O2 SO4 E . -11.73 -23.11 3.05
O3 SO4 E . -11.74 -23.80 0.70
O4 SO4 E . -13.50 -24.45 2.16
S SO4 F . 11.52 -4.91 -22.90
O1 SO4 F . 12.48 -4.14 -23.73
O2 SO4 F . 11.09 -4.02 -21.81
O3 SO4 F . 10.35 -5.28 -23.72
O4 SO4 F . 12.09 -6.16 -22.35
S SO4 G . 22.78 19.97 7.51
O1 SO4 G . 23.43 21.29 7.35
O2 SO4 G . 23.08 19.43 8.85
O3 SO4 G . 21.33 20.28 7.41
O4 SO4 G . 23.40 19.00 6.53
C1 EDO H . -13.14 -3.22 12.83
O1 EDO H . -13.89 -3.84 11.78
C2 EDO H . -11.99 -4.12 13.25
O2 EDO H . -10.87 -3.29 13.62
N1 EPE I . 8.80 -6.87 -11.31
C2 EPE I . 7.70 -7.76 -11.65
C3 EPE I . 8.30 -8.91 -12.43
N4 EPE I . 9.27 -9.58 -11.56
C5 EPE I . 10.35 -8.68 -11.13
C6 EPE I . 9.72 -7.52 -10.38
C7 EPE I . 9.85 -10.72 -12.25
C8 EPE I . 8.84 -11.86 -12.28
O8 EPE I . 8.92 -12.57 -11.04
C9 EPE I . 8.26 -5.65 -10.72
C10 EPE I . 9.37 -4.61 -10.65
S EPE I . 8.77 -3.12 -11.03
O1S EPE I . 9.72 -2.15 -10.65
O2S EPE I . 7.38 -2.87 -10.29
O3S EPE I . 8.58 -3.00 -12.43
#